data_6EVR
#
_entry.id   6EVR
#
_cell.length_a   62.119
_cell.length_b   71.064
_cell.length_c   122.122
_cell.angle_alpha   90.000
_cell.angle_beta   90.000
_cell.angle_gamma   90.000
#
_symmetry.space_group_name_H-M   'P 21 21 21'
#
loop_
_entity.id
_entity.type
_entity.pdbx_description
1 polymer 'Carbonic anhydrase 1'
2 non-polymer 'ZINC ION'
3 non-polymer 4-[(3~{S})-4-ethanoyl-3-(phenylmethyl)piperazin-1-yl]carbonylbenzenesulfonamide
4 non-polymer GLYCEROL
5 non-polymer 'ACETATE ION'
6 water water
#
_entity_poly.entity_id   1
_entity_poly.type   'polypeptide(L)'
_entity_poly.pdbx_seq_one_letter_code
;MASPDWGYDDKNGPEQWSKLYPIANGNNQSPVDIKTSETKHDTSLKPISVSYNPATAKEIINVGHSFHVNFEDNDNRSVL
KGGPFSDSYRLFQFHFHWGSTNEHGSEHTVDGVKYSAELHVAHWNSAKYSSLAEAASKADGLAVIGVLMKVGEANPKLQK
VLDALQAIKTKGKRAPFTNFDPSTLLPSSLDFWTYPGSLTHPPLYESVTWIICKESISVSSEQLAQFRSLLSNVEGDNAV
PMQHNNRPTQPLKGRTVRASF
;
_entity_poly.pdbx_strand_id   A,B
#
# COMPACT_ATOMS: atom_id res chain seq x y z
N ASP A 5 -34.62 4.28 12.59
CA ASP A 5 -33.99 3.10 13.26
C ASP A 5 -32.89 2.37 12.40
N TRP A 6 -32.12 1.47 13.05
CA TRP A 6 -31.00 0.77 12.39
C TRP A 6 -30.94 -0.64 12.95
N GLY A 7 -30.35 -1.53 12.14
CA GLY A 7 -30.16 -2.91 12.56
C GLY A 7 -29.14 -3.54 11.64
N TYR A 8 -29.26 -4.86 11.54
CA TYR A 8 -28.41 -5.57 10.66
C TYR A 8 -29.29 -6.30 9.60
N ASP A 9 -30.62 -6.08 9.61
CA ASP A 9 -31.52 -6.65 8.54
C ASP A 9 -31.23 -5.99 7.21
N ASP A 10 -31.89 -6.47 6.16
CA ASP A 10 -31.69 -5.92 4.82
C ASP A 10 -32.10 -4.44 4.63
N LYS A 11 -33.22 -4.06 5.25
CA LYS A 11 -33.76 -2.67 5.16
C LYS A 11 -33.04 -1.68 6.07
N ASN A 12 -32.61 -2.15 7.24
CA ASN A 12 -31.99 -1.23 8.21
C ASN A 12 -30.47 -1.40 8.44
N GLY A 13 -29.82 -2.20 7.58
CA GLY A 13 -28.53 -2.75 7.85
C GLY A 13 -27.34 -1.91 7.45
N PRO A 14 -26.08 -2.44 7.61
CA PRO A 14 -24.90 -1.68 7.33
C PRO A 14 -24.87 -0.93 6.03
N GLU A 15 -25.39 -1.50 4.95
CA GLU A 15 -25.31 -0.79 3.67
C GLU A 15 -26.21 0.44 3.61
N GLN A 16 -27.23 0.47 4.47
CA GLN A 16 -28.25 1.55 4.57
C GLN A 16 -27.97 2.61 5.64
N TRP A 17 -26.98 2.35 6.51
CA TRP A 17 -26.75 3.23 7.67
C TRP A 17 -26.49 4.69 7.30
N SER A 18 -25.77 4.91 6.20
CA SER A 18 -25.40 6.27 5.77
C SER A 18 -26.61 7.20 5.48
N LYS A 19 -27.78 6.65 5.21
CA LYS A 19 -28.99 7.48 4.95
C LYS A 19 -29.36 8.27 6.23
N LEU A 20 -29.30 7.58 7.38
CA LEU A 20 -29.54 8.16 8.72
C LEU A 20 -28.26 8.70 9.40
N TYR A 21 -27.10 8.06 9.15
CA TYR A 21 -25.81 8.46 9.74
C TYR A 21 -24.81 8.66 8.63
N PRO A 22 -24.73 9.88 8.10
CA PRO A 22 -23.78 10.13 7.02
C PRO A 22 -22.32 9.84 7.30
N ILE A 23 -21.87 9.87 8.56
CA ILE A 23 -20.49 9.62 8.93
C ILE A 23 -20.11 8.15 8.51
N ALA A 24 -21.10 7.31 8.19
CA ALA A 24 -20.89 5.90 7.76
C ALA A 24 -19.93 5.86 6.56
N ASN A 25 -19.89 6.94 5.78
CA ASN A 25 -18.94 7.09 4.64
C ASN A 25 -17.75 7.98 4.93
N GLY A 26 -17.39 8.16 6.21
CA GLY A 26 -16.32 9.00 6.68
C GLY A 26 -14.95 8.43 6.40
N ASN A 27 -13.92 9.11 6.88
CA ASN A 27 -12.56 8.71 6.63
C ASN A 27 -11.92 7.82 7.65
N ASN A 28 -12.60 7.61 8.80
CA ASN A 28 -11.99 6.89 9.90
C ASN A 28 -12.98 5.85 10.34
N GLN A 29 -13.63 5.17 9.38
CA GLN A 29 -14.65 4.15 9.78
C GLN A 29 -14.04 2.79 10.12
N SER A 30 -14.70 2.09 11.03
CA SER A 30 -14.27 0.71 11.43
C SER A 30 -15.42 -0.29 11.24
N PRO A 31 -15.15 -1.60 11.12
CA PRO A 31 -13.81 -2.18 11.18
C PRO A 31 -13.06 -2.08 9.82
N VAL A 32 -11.85 -2.63 9.82
CA VAL A 32 -11.01 -2.61 8.61
C VAL A 32 -10.39 -4.00 8.48
N ASP A 33 -9.87 -4.26 7.27
CA ASP A 33 -9.03 -5.42 7.02
C ASP A 33 -7.62 -4.99 7.31
N ILE A 34 -6.90 -5.73 8.13
CA ILE A 34 -5.55 -5.43 8.47
C ILE A 34 -4.68 -6.24 7.46
N LYS A 35 -3.98 -5.52 6.57
CA LYS A 35 -2.99 -6.14 5.63
C LYS A 35 -1.63 -6.11 6.26
N THR A 36 -1.09 -7.28 6.57
CA THR A 36 0.09 -7.33 7.40
C THR A 36 1.32 -6.85 6.66
N SER A 37 1.31 -6.96 5.35
CA SER A 37 2.45 -6.41 4.52
C SER A 37 2.39 -4.88 4.45
N GLU A 38 1.26 -4.27 4.88
CA GLU A 38 1.14 -2.81 4.89
C GLU A 38 1.17 -2.13 6.29
N THR A 39 1.32 -2.92 7.37
CA THR A 39 1.39 -2.37 8.73
C THR A 39 2.77 -1.73 9.00
N LYS A 40 2.85 -0.73 9.88
CA LYS A 40 4.14 -0.15 10.22
C LYS A 40 4.51 -0.51 11.65
N HIS A 41 5.61 -1.23 11.84
CA HIS A 41 6.08 -1.47 13.21
C HIS A 41 6.43 -0.12 13.83
N ASP A 42 5.93 0.12 15.05
CA ASP A 42 6.25 1.34 15.76
C ASP A 42 6.90 1.00 17.11
N THR A 43 8.21 1.30 17.28
CA THR A 43 8.89 0.93 18.56
C THR A 43 8.53 1.88 19.74
N SER A 44 7.79 2.94 19.45
CA SER A 44 7.28 3.79 20.53
C SER A 44 6.07 3.21 21.28
N LEU A 45 5.34 2.29 20.63
CA LEU A 45 4.25 1.57 21.33
C LEU A 45 4.74 0.83 22.57
N LYS A 46 4.09 1.07 23.70
CA LYS A 46 4.39 0.40 24.91
C LYS A 46 3.47 -0.86 24.97
N PRO A 47 3.77 -1.77 25.88
CA PRO A 47 2.88 -2.90 26.08
C PRO A 47 1.53 -2.40 26.64
N ILE A 48 0.47 -3.12 26.28
CA ILE A 48 -0.88 -2.92 26.87
C ILE A 48 -0.86 -3.45 28.26
N SER A 49 -1.44 -2.66 29.17
CA SER A 49 -1.57 -3.00 30.54
C SER A 49 -3.07 -2.86 30.88
N VAL A 50 -3.70 -3.97 31.25
CA VAL A 50 -5.07 -3.95 31.77
C VAL A 50 -5.07 -4.31 33.25
N SER A 51 -5.92 -3.62 34.00
CA SER A 51 -6.02 -3.90 35.42
C SER A 51 -7.47 -3.66 35.82
N TYR A 52 -8.23 -4.74 35.86
CA TYR A 52 -9.68 -4.65 36.05
C TYR A 52 -10.07 -5.25 37.38
N ASN A 53 -10.96 -4.58 38.09
CA ASN A 53 -11.42 -5.10 39.38
C ASN A 53 -12.76 -5.81 39.16
N PRO A 54 -12.87 -7.10 39.50
CA PRO A 54 -14.13 -7.83 39.23
C PRO A 54 -15.35 -7.22 39.93
N ALA A 55 -15.17 -6.46 41.01
CA ALA A 55 -16.33 -5.81 41.67
C ALA A 55 -16.94 -4.69 40.81
N THR A 56 -16.27 -4.22 39.72
CA THR A 56 -16.90 -3.21 38.84
C THR A 56 -17.95 -3.83 37.87
N ALA A 57 -18.00 -5.18 37.69
CA ALA A 57 -19.03 -5.77 36.81
C ALA A 57 -20.42 -5.46 37.43
N LYS A 58 -21.33 -5.01 36.58
CA LYS A 58 -22.63 -4.54 37.03
C LYS A 58 -23.82 -5.31 36.49
N GLU A 59 -23.98 -5.38 35.17
CA GLU A 59 -25.27 -5.76 34.57
C GLU A 59 -25.06 -6.28 33.15
N ILE A 60 -25.85 -7.26 32.77
CA ILE A 60 -25.88 -7.75 31.41
C ILE A 60 -27.25 -7.41 30.82
N ILE A 61 -27.28 -6.99 29.59
CA ILE A 61 -28.48 -6.48 28.98
CA ILE A 61 -28.46 -6.42 28.96
C ILE A 61 -28.63 -6.87 27.51
N ASN A 62 -29.83 -7.30 27.15
CA ASN A 62 -30.13 -7.56 25.79
C ASN A 62 -30.50 -6.27 25.16
N VAL A 63 -29.68 -5.81 24.17
CA VAL A 63 -29.94 -4.51 23.49
C VAL A 63 -30.55 -4.67 22.13
N GLY A 64 -31.18 -5.83 21.87
CA GLY A 64 -31.90 -6.02 20.62
C GLY A 64 -31.06 -6.56 19.50
N HIS A 65 -29.93 -5.91 19.22
CA HIS A 65 -29.03 -6.32 18.10
C HIS A 65 -27.87 -7.10 18.67
N SER A 66 -27.70 -7.12 20.00
CA SER A 66 -26.57 -7.74 20.66
C SER A 66 -26.87 -7.81 22.11
N PHE A 67 -25.87 -8.11 22.93
CA PHE A 67 -25.99 -7.95 24.38
C PHE A 67 -24.72 -7.28 24.89
N HIS A 68 -24.85 -6.59 26.00
CA HIS A 68 -23.70 -5.85 26.57
C HIS A 68 -23.51 -6.21 28.00
N VAL A 69 -22.27 -6.32 28.45
CA VAL A 69 -22.02 -6.50 29.87
C VAL A 69 -21.44 -5.17 30.29
N ASN A 70 -22.15 -4.46 31.21
CA ASN A 70 -21.69 -3.10 31.63
C ASN A 70 -21.05 -3.10 32.96
N PHE A 71 -20.14 -2.11 33.17
CA PHE A 71 -19.33 -2.01 34.36
C PHE A 71 -19.57 -0.67 35.02
N GLU A 72 -19.50 -0.66 36.33
CA GLU A 72 -19.42 0.62 37.08
C GLU A 72 -18.20 1.37 36.62
N ASP A 73 -18.40 2.63 36.30
CA ASP A 73 -17.30 3.48 35.76
C ASP A 73 -17.18 4.86 36.45
N ASN A 74 -17.38 4.85 37.76
CA ASN A 74 -17.30 6.08 38.54
C ASN A 74 -15.90 6.34 39.06
N ASP A 75 -15.00 5.38 38.98
CA ASP A 75 -13.63 5.61 39.40
C ASP A 75 -12.64 4.76 38.60
N ASN A 76 -11.37 4.80 38.97
CA ASN A 76 -10.38 4.08 38.20
C ASN A 76 -10.06 2.72 38.72
N ARG A 77 -11.02 2.02 39.25
CA ARG A 77 -10.84 0.66 39.67
C ARG A 77 -10.42 -0.27 38.50
N SER A 78 -10.92 0.02 37.28
CA SER A 78 -10.71 -0.89 36.13
C SER A 78 -10.22 -0.05 35.02
N VAL A 79 -8.97 -0.27 34.63
CA VAL A 79 -8.39 0.67 33.64
C VAL A 79 -7.44 -0.05 32.67
N LEU A 80 -7.33 0.58 31.50
CA LEU A 80 -6.40 0.18 30.42
C LEU A 80 -5.37 1.30 30.35
N LYS A 81 -4.11 0.94 30.20
CA LYS A 81 -2.98 1.93 30.14
C LYS A 81 -1.97 1.37 29.09
N GLY A 82 -1.02 2.20 28.62
CA GLY A 82 0.05 1.68 27.75
C GLY A 82 -0.35 1.72 26.27
N GLY A 83 0.30 0.89 25.46
CA GLY A 83 0.03 0.85 24.03
C GLY A 83 0.36 2.18 23.42
N PRO A 84 -0.57 2.74 22.69
CA PRO A 84 -0.44 4.07 22.11
C PRO A 84 -0.81 5.23 23.03
N PHE A 85 -1.19 4.98 24.27
CA PHE A 85 -1.88 6.01 25.08
C PHE A 85 -0.95 6.57 26.13
N SER A 86 -1.10 7.84 26.45
CA SER A 86 -0.43 8.37 27.65
C SER A 86 -1.45 8.55 28.80
N ASP A 87 -2.73 8.55 28.43
CA ASP A 87 -3.91 8.72 29.32
C ASP A 87 -4.33 7.30 29.79
N SER A 88 -4.91 7.17 30.96
CA SER A 88 -5.54 5.98 31.42
C SER A 88 -6.98 5.96 30.87
N TYR A 89 -7.45 4.79 30.42
CA TYR A 89 -8.87 4.68 29.95
C TYR A 89 -9.65 3.75 30.86
N ARG A 90 -10.88 4.13 31.17
CA ARG A 90 -11.68 3.43 32.17
C ARG A 90 -12.62 2.42 31.43
N LEU A 91 -12.61 1.16 31.87
CA LEU A 91 -13.51 0.12 31.34
C LEU A 91 -14.96 0.47 31.56
N PHE A 92 -15.79 0.31 30.53
CA PHE A 92 -17.23 0.46 30.73
C PHE A 92 -18.08 -0.68 30.28
N GLN A 93 -17.62 -1.49 29.31
CA GLN A 93 -18.45 -2.63 28.82
CA GLN A 93 -18.48 -2.45 28.64
C GLN A 93 -17.62 -3.55 27.99
N PHE A 94 -18.10 -4.79 27.90
CA PHE A 94 -17.62 -5.61 26.81
C PHE A 94 -18.81 -6.28 26.11
N HIS A 95 -18.57 -6.71 24.88
CA HIS A 95 -19.62 -7.38 24.11
C HIS A 95 -19.00 -8.16 22.97
N PHE A 96 -19.82 -8.79 22.14
CA PHE A 96 -19.25 -9.61 21.08
C PHE A 96 -19.96 -9.23 19.84
N HIS A 97 -19.38 -9.62 18.69
CA HIS A 97 -20.11 -9.66 17.40
C HIS A 97 -19.95 -11.05 16.83
N TRP A 98 -20.98 -11.49 16.09
CA TRP A 98 -20.93 -12.83 15.49
C TRP A 98 -21.66 -12.79 14.15
N GLY A 99 -21.55 -13.89 13.36
CA GLY A 99 -22.20 -13.97 12.04
C GLY A 99 -23.25 -15.06 11.99
N SER A 100 -23.92 -15.12 10.84
CA SER A 100 -24.98 -16.12 10.51
C SER A 100 -24.43 -17.54 10.59
N THR A 101 -23.18 -17.72 10.15
CA THR A 101 -22.59 -19.08 10.28
C THR A 101 -21.13 -18.93 10.73
N ASN A 102 -20.48 -20.07 11.04
CA ASN A 102 -19.10 -20.06 11.48
C ASN A 102 -18.09 -19.36 10.49
N GLU A 103 -18.43 -19.26 9.19
CA GLU A 103 -17.55 -18.76 8.13
C GLU A 103 -17.22 -17.27 8.24
N HIS A 104 -18.09 -16.53 8.92
CA HIS A 104 -17.78 -15.13 9.06
C HIS A 104 -18.39 -14.77 10.45
N GLY A 105 -18.17 -13.56 10.89
CA GLY A 105 -18.78 -13.16 12.16
C GLY A 105 -17.90 -12.17 12.81
N SER A 106 -16.57 -12.23 12.57
CA SER A 106 -15.69 -11.14 13.16
C SER A 106 -16.00 -9.81 12.43
N GLU A 107 -15.59 -8.67 13.03
CA GLU A 107 -15.68 -7.39 12.31
C GLU A 107 -14.38 -7.12 11.60
N HIS A 108 -13.29 -7.06 12.35
CA HIS A 108 -11.96 -6.87 11.70
C HIS A 108 -11.65 -8.21 10.97
N THR A 109 -10.84 -8.09 9.92
CA THR A 109 -10.32 -9.29 9.22
C THR A 109 -8.81 -9.06 9.15
N VAL A 110 -8.04 -10.16 9.00
CA VAL A 110 -6.55 -10.04 8.98
C VAL A 110 -6.11 -10.75 7.68
N ASP A 111 -5.54 -9.98 6.77
CA ASP A 111 -5.20 -10.51 5.42
C ASP A 111 -6.36 -11.11 4.70
N GLY A 112 -7.54 -10.45 4.78
CA GLY A 112 -8.76 -10.99 4.21
C GLY A 112 -9.50 -12.12 4.92
N VAL A 113 -8.90 -12.72 5.93
CA VAL A 113 -9.43 -13.87 6.65
C VAL A 113 -10.47 -13.39 7.69
N LYS A 114 -11.64 -14.00 7.61
CA LYS A 114 -12.81 -13.72 8.52
C LYS A 114 -12.78 -14.74 9.61
N TYR A 115 -12.91 -14.27 10.83
CA TYR A 115 -13.08 -15.16 11.94
C TYR A 115 -14.56 -15.35 12.30
N SER A 116 -14.87 -16.21 13.27
CA SER A 116 -16.28 -16.57 13.58
C SER A 116 -16.98 -15.51 14.44
N ALA A 117 -16.19 -14.83 15.26
CA ALA A 117 -16.80 -13.85 16.23
C ALA A 117 -15.67 -12.91 16.65
N GLU A 118 -16.03 -11.87 17.41
CA GLU A 118 -15.01 -10.91 17.90
C GLU A 118 -15.46 -10.37 19.23
N LEU A 119 -14.53 -10.23 20.19
CA LEU A 119 -14.80 -9.68 21.47
C LEU A 119 -14.29 -8.25 21.45
N HIS A 120 -15.16 -7.34 21.90
CA HIS A 120 -14.82 -5.86 22.07
C HIS A 120 -14.84 -5.50 23.56
N VAL A 121 -13.75 -4.98 24.08
CA VAL A 121 -13.69 -4.53 25.50
C VAL A 121 -13.44 -2.97 25.40
N ALA A 122 -14.44 -2.21 25.86
CA ALA A 122 -14.51 -0.79 25.49
C ALA A 122 -14.22 0.06 26.75
N HIS A 123 -13.52 1.18 26.52
CA HIS A 123 -13.04 2.02 27.65
C HIS A 123 -13.19 3.46 27.21
N TRP A 124 -13.20 4.39 28.19
CA TRP A 124 -13.29 5.83 27.81
C TRP A 124 -12.26 6.65 28.56
N ASN A 125 -11.88 7.79 27.95
CA ASN A 125 -10.69 8.54 28.44
C ASN A 125 -11.15 9.42 29.65
N SER A 126 -10.93 8.86 30.83
CA SER A 126 -11.34 9.52 32.09
C SER A 126 -10.25 10.50 32.51
N ALA A 127 -9.07 10.47 31.87
CA ALA A 127 -8.07 11.52 32.14
C ALA A 127 -8.48 12.89 31.60
N LYS A 128 -9.14 12.95 30.46
CA LYS A 128 -9.47 14.20 29.83
C LYS A 128 -10.94 14.58 29.98
N TYR A 129 -11.82 13.58 30.08
CA TYR A 129 -13.28 13.83 30.08
C TYR A 129 -13.94 13.39 31.34
N SER A 130 -15.14 13.94 31.62
CA SER A 130 -15.76 13.59 32.87
C SER A 130 -16.76 12.42 32.81
N SER A 131 -17.14 11.99 31.62
CA SER A 131 -18.14 10.92 31.52
C SER A 131 -17.95 10.25 30.16
N LEU A 132 -18.47 9.03 30.09
CA LEU A 132 -18.62 8.37 28.80
C LEU A 132 -19.29 9.23 27.70
N ALA A 133 -20.41 9.91 28.05
CA ALA A 133 -21.11 10.74 27.06
C ALA A 133 -20.23 11.86 26.46
N GLU A 134 -19.46 12.55 27.31
CA GLU A 134 -18.50 13.57 26.85
C GLU A 134 -17.44 12.94 25.94
N ALA A 135 -16.94 11.79 26.33
CA ALA A 135 -15.76 11.18 25.68
C ALA A 135 -16.15 10.59 24.30
N ALA A 136 -17.39 10.10 24.20
CA ALA A 136 -17.77 9.20 23.07
C ALA A 136 -17.75 9.84 21.74
N SER A 137 -17.74 11.16 21.70
CA SER A 137 -17.77 11.87 20.41
C SER A 137 -16.38 12.50 20.13
N LYS A 138 -15.38 12.30 21.00
CA LYS A 138 -14.06 12.99 20.85
C LYS A 138 -13.07 12.06 20.17
N ALA A 139 -12.18 12.59 19.32
CA ALA A 139 -11.27 11.71 18.58
C ALA A 139 -10.45 10.85 19.50
N ASP A 140 -10.07 11.31 20.72
CA ASP A 140 -9.28 10.55 21.65
C ASP A 140 -10.14 9.98 22.81
N GLY A 141 -11.43 9.87 22.60
CA GLY A 141 -12.35 9.58 23.73
C GLY A 141 -12.46 8.10 24.09
N LEU A 142 -12.42 7.20 23.10
CA LEU A 142 -12.67 5.76 23.37
C LEU A 142 -11.49 4.90 23.00
N ALA A 143 -11.33 3.78 23.71
CA ALA A 143 -10.23 2.78 23.34
C ALA A 143 -10.94 1.43 23.41
N VAL A 144 -10.94 0.69 22.31
CA VAL A 144 -11.62 -0.64 22.33
C VAL A 144 -10.57 -1.72 21.97
N ILE A 145 -10.42 -2.73 22.82
CA ILE A 145 -9.58 -3.91 22.51
C ILE A 145 -10.45 -4.89 21.72
N GLY A 146 -10.00 -5.28 20.51
CA GLY A 146 -10.72 -6.27 19.73
C GLY A 146 -9.92 -7.61 19.75
N VAL A 147 -10.61 -8.75 20.04
CA VAL A 147 -9.96 -10.07 20.03
C VAL A 147 -10.76 -10.95 19.05
N LEU A 148 -10.05 -11.46 18.04
CA LEU A 148 -10.65 -12.34 17.01
C LEU A 148 -10.91 -13.67 17.60
N MET A 149 -12.12 -14.24 17.34
CA MET A 149 -12.48 -15.51 18.00
C MET A 149 -12.60 -16.58 16.87
N LYS A 150 -11.73 -17.57 16.99
CA LYS A 150 -11.63 -18.61 15.93
C LYS A 150 -12.39 -19.87 16.39
N VAL A 151 -13.28 -20.34 15.54
CA VAL A 151 -14.05 -21.49 15.91
C VAL A 151 -13.12 -22.70 16.12
N GLY A 152 -13.36 -23.46 17.19
CA GLY A 152 -12.53 -24.66 17.52
C GLY A 152 -13.06 -25.17 18.84
N GLU A 153 -12.17 -25.30 19.83
CA GLU A 153 -12.45 -25.90 21.12
C GLU A 153 -13.31 -24.92 21.96
N ALA A 154 -14.25 -25.47 22.73
CA ALA A 154 -15.05 -24.62 23.67
C ALA A 154 -14.11 -23.83 24.57
N ASN A 155 -14.49 -22.58 24.82
CA ASN A 155 -13.69 -21.68 25.62
C ASN A 155 -14.32 -21.60 26.99
N PRO A 156 -13.69 -22.18 28.00
CA PRO A 156 -14.40 -22.23 29.27
C PRO A 156 -14.48 -20.84 29.97
N LYS A 157 -13.62 -19.91 29.58
CA LYS A 157 -13.68 -18.55 30.19
C LYS A 157 -14.94 -17.84 29.79
N LEU A 158 -15.50 -18.22 28.68
CA LEU A 158 -16.82 -17.67 28.28
C LEU A 158 -18.02 -18.08 29.11
N GLN A 159 -17.83 -19.02 30.06
CA GLN A 159 -18.90 -19.71 30.71
C GLN A 159 -19.87 -18.89 31.47
N LYS A 160 -19.38 -18.05 32.40
CA LYS A 160 -20.25 -17.18 33.17
C LYS A 160 -21.10 -16.35 32.23
N VAL A 161 -20.49 -15.87 31.14
CA VAL A 161 -21.26 -14.97 30.22
C VAL A 161 -22.36 -15.77 29.59
N LEU A 162 -21.98 -16.94 29.00
CA LEU A 162 -23.00 -17.74 28.29
C LEU A 162 -24.15 -18.21 29.27
N ASP A 163 -23.80 -18.57 30.51
CA ASP A 163 -24.77 -19.05 31.51
C ASP A 163 -25.77 -17.92 31.79
N ALA A 164 -25.31 -16.68 31.62
CA ALA A 164 -26.15 -15.52 32.01
C ALA A 164 -27.24 -15.24 30.99
N LEU A 165 -27.06 -15.68 29.77
CA LEU A 165 -27.90 -15.34 28.68
C LEU A 165 -29.35 -15.80 28.82
N GLN A 166 -29.53 -16.96 29.50
CA GLN A 166 -30.91 -17.43 29.65
C GLN A 166 -31.80 -16.44 30.45
N ALA A 167 -31.21 -15.50 31.19
CA ALA A 167 -31.99 -14.49 31.92
C ALA A 167 -32.27 -13.24 31.13
N ILE A 168 -31.72 -13.16 29.94
CA ILE A 168 -31.89 -11.97 29.14
C ILE A 168 -32.22 -12.30 27.74
N LYS A 169 -33.16 -13.25 27.56
CA LYS A 169 -33.45 -13.72 26.22
C LYS A 169 -34.02 -12.85 25.23
N THR A 170 -34.87 -11.86 25.64
CA THR A 170 -35.54 -10.95 24.74
C THR A 170 -35.14 -9.47 24.98
N LYS A 171 -35.41 -8.70 23.97
CA LYS A 171 -34.96 -7.27 23.88
C LYS A 171 -35.35 -6.49 25.12
N GLY A 172 -34.37 -5.86 25.77
CA GLY A 172 -34.65 -5.11 27.01
C GLY A 172 -34.54 -5.75 28.31
N LYS A 173 -34.48 -7.11 28.32
CA LYS A 173 -34.26 -7.76 29.56
C LYS A 173 -32.81 -7.47 30.05
N ARG A 174 -32.64 -7.48 31.36
CA ARG A 174 -31.36 -7.19 32.01
C ARG A 174 -31.25 -7.93 33.32
N ALA A 175 -30.04 -8.15 33.79
CA ALA A 175 -29.80 -8.89 35.02
C ALA A 175 -28.53 -8.45 35.63
N PRO A 176 -28.39 -8.53 36.99
CA PRO A 176 -27.11 -8.31 37.63
C PRO A 176 -26.05 -9.25 37.06
N PHE A 177 -24.84 -8.73 36.87
CA PHE A 177 -23.71 -9.59 36.39
C PHE A 177 -22.52 -9.08 37.12
N THR A 178 -22.09 -9.80 38.16
CA THR A 178 -21.16 -9.24 39.11
C THR A 178 -19.93 -10.15 39.27
N ASN A 179 -18.92 -9.58 39.88
CA ASN A 179 -17.71 -10.27 40.31
C ASN A 179 -17.04 -10.96 39.10
N PHE A 180 -16.76 -10.18 38.06
CA PHE A 180 -16.20 -10.78 36.79
C PHE A 180 -15.13 -9.83 36.23
N ASP A 181 -13.93 -10.41 35.98
CA ASP A 181 -12.80 -9.67 35.43
C ASP A 181 -12.63 -10.11 33.94
N PRO A 182 -12.95 -9.22 32.97
CA PRO A 182 -12.96 -9.62 31.58
C PRO A 182 -11.51 -9.70 31.01
N SER A 183 -10.52 -9.29 31.74
CA SER A 183 -9.12 -9.61 31.25
C SER A 183 -8.89 -11.15 31.20
N THR A 184 -9.70 -11.92 31.94
CA THR A 184 -9.64 -13.41 31.83
C THR A 184 -9.99 -13.90 30.43
N LEU A 185 -10.69 -13.10 29.63
CA LEU A 185 -11.13 -13.46 28.28
C LEU A 185 -10.04 -13.11 27.23
N LEU A 186 -9.04 -12.35 27.63
CA LEU A 186 -8.02 -11.87 26.61
C LEU A 186 -7.01 -12.99 26.32
N PRO A 187 -6.34 -12.92 25.16
CA PRO A 187 -5.38 -14.02 24.82
C PRO A 187 -4.14 -13.86 25.69
N SER A 188 -3.28 -14.89 25.78
CA SER A 188 -2.12 -14.72 26.68
C SER A 188 -1.04 -13.72 26.17
N SER A 189 -0.90 -13.54 24.86
CA SER A 189 -0.02 -12.47 24.31
C SER A 189 -0.95 -11.27 24.04
N LEU A 190 -0.49 -10.06 24.44
CA LEU A 190 -1.15 -8.83 24.08
C LEU A 190 -0.42 -8.03 22.99
N ASP A 191 0.37 -8.73 22.14
CA ASP A 191 0.83 -8.09 20.92
C ASP A 191 -0.36 -7.61 20.09
N PHE A 192 -0.26 -6.44 19.45
CA PHE A 192 -1.39 -5.81 18.88
C PHE A 192 -1.13 -4.93 17.66
N TRP A 193 -2.17 -4.70 16.90
CA TRP A 193 -2.25 -3.64 15.92
C TRP A 193 -3.03 -2.48 16.51
N THR A 194 -2.76 -1.26 16.04
CA THR A 194 -3.57 -0.12 16.43
C THR A 194 -3.86 0.78 15.24
N TYR A 195 -5.05 1.32 15.16
CA TYR A 195 -5.34 2.33 14.15
C TYR A 195 -6.47 3.26 14.71
N PRO A 196 -6.61 4.48 14.17
CA PRO A 196 -7.70 5.40 14.55
C PRO A 196 -8.95 5.07 13.76
N GLY A 197 -10.08 4.84 14.46
CA GLY A 197 -11.25 4.41 13.76
C GLY A 197 -12.52 4.85 14.52
N SER A 198 -13.57 4.04 14.44
CA SER A 198 -14.91 4.52 14.87
C SER A 198 -15.62 3.44 15.67
N LEU A 199 -16.79 3.80 16.24
CA LEU A 199 -17.75 2.80 16.69
C LEU A 199 -18.17 2.03 15.41
N THR A 200 -18.42 0.72 15.54
CA THR A 200 -18.73 -0.05 14.36
C THR A 200 -20.21 -0.15 14.07
N HIS A 201 -21.05 0.59 14.82
CA HIS A 201 -22.47 0.66 14.49
C HIS A 201 -22.95 2.05 14.91
N PRO A 202 -24.16 2.46 14.46
CA PRO A 202 -24.64 3.84 14.85
C PRO A 202 -24.48 4.04 16.37
N PRO A 203 -24.05 5.21 16.77
CA PRO A 203 -23.86 6.39 15.93
C PRO A 203 -22.57 6.55 15.17
N LEU A 204 -21.69 5.55 15.18
CA LEU A 204 -20.56 5.56 14.22
C LEU A 204 -19.50 6.60 14.40
N TYR A 205 -19.50 7.23 15.59
CA TYR A 205 -18.53 8.31 15.87
C TYR A 205 -17.09 7.85 15.67
N GLU A 206 -16.27 8.74 15.12
CA GLU A 206 -14.89 8.42 14.86
C GLU A 206 -14.04 8.75 16.06
N SER A 207 -14.30 8.04 17.16
CA SER A 207 -13.78 8.38 18.48
C SER A 207 -12.99 7.25 19.07
N VAL A 208 -12.73 6.19 18.26
CA VAL A 208 -12.15 4.99 18.85
C VAL A 208 -10.68 4.77 18.39
N THR A 209 -9.81 4.61 19.35
CA THR A 209 -8.45 4.03 19.07
C THR A 209 -8.60 2.53 19.23
N TRP A 210 -8.42 1.82 18.13
CA TRP A 210 -8.54 0.36 18.14
C TRP A 210 -7.28 -0.33 18.57
N ILE A 211 -7.40 -1.35 19.40
CA ILE A 211 -6.28 -2.19 19.78
C ILE A 211 -6.72 -3.63 19.38
N ILE A 212 -6.13 -4.20 18.32
CA ILE A 212 -6.57 -5.50 17.82
C ILE A 212 -5.45 -6.48 18.15
N CYS A 213 -5.78 -7.48 18.93
CA CYS A 213 -4.82 -8.50 19.35
C CYS A 213 -4.43 -9.39 18.19
N LYS A 214 -3.11 -9.66 18.05
CA LYS A 214 -2.66 -10.59 17.05
C LYS A 214 -3.09 -12.03 17.34
N GLU A 215 -3.13 -12.44 18.62
CA GLU A 215 -3.51 -13.81 18.96
C GLU A 215 -5.02 -13.90 19.07
N SER A 216 -5.58 -14.93 18.48
CA SER A 216 -7.02 -15.18 18.62
C SER A 216 -7.31 -15.95 19.92
N ILE A 217 -8.61 -15.96 20.30
CA ILE A 217 -9.11 -16.87 21.36
C ILE A 217 -10.09 -17.85 20.69
N SER A 218 -10.34 -18.98 21.39
CA SER A 218 -11.25 -19.97 20.81
CA SER A 218 -11.25 -19.96 20.78
C SER A 218 -12.71 -19.72 21.18
N VAL A 219 -13.59 -20.38 20.43
CA VAL A 219 -15.03 -20.43 20.71
C VAL A 219 -15.51 -21.70 20.01
N SER A 220 -16.40 -22.49 20.68
CA SER A 220 -16.97 -23.62 19.97
C SER A 220 -18.15 -23.27 19.08
N SER A 221 -18.48 -24.15 18.11
CA SER A 221 -19.61 -23.93 17.23
CA SER A 221 -19.63 -23.99 17.24
C SER A 221 -20.94 -23.88 18.08
N GLU A 222 -20.98 -24.62 19.20
CA GLU A 222 -22.19 -24.60 20.07
C GLU A 222 -22.21 -23.31 20.93
N GLN A 223 -21.06 -22.80 21.29
CA GLN A 223 -21.02 -21.50 22.01
C GLN A 223 -21.52 -20.41 21.12
N LEU A 224 -21.17 -20.40 19.85
CA LEU A 224 -21.64 -19.40 18.88
C LEU A 224 -23.17 -19.56 18.70
N ALA A 225 -23.62 -20.81 18.73
CA ALA A 225 -25.11 -21.00 18.65
C ALA A 225 -25.80 -20.34 19.80
N GLN A 226 -25.23 -20.29 21.01
CA GLN A 226 -25.89 -19.70 22.19
C GLN A 226 -26.04 -18.18 21.93
N PHE A 227 -25.04 -17.53 21.36
CA PHE A 227 -25.19 -16.15 20.93
C PHE A 227 -26.37 -15.99 19.96
N ARG A 228 -26.42 -16.82 18.91
CA ARG A 228 -27.42 -16.69 17.86
C ARG A 228 -28.85 -17.07 18.33
N SER A 229 -28.95 -17.73 19.45
CA SER A 229 -30.25 -18.12 20.07
C SER A 229 -30.81 -16.91 20.83
N LEU A 230 -30.01 -15.87 21.08
CA LEU A 230 -30.62 -14.68 21.73
C LEU A 230 -31.67 -14.10 20.82
N LEU A 231 -32.69 -13.44 21.42
CA LEU A 231 -33.75 -12.98 20.53
C LEU A 231 -33.82 -11.46 20.48
N SER A 232 -34.11 -10.98 19.31
CA SER A 232 -34.13 -9.52 19.11
C SER A 232 -35.50 -8.87 19.34
N ASN A 233 -36.55 -9.69 19.41
CA ASN A 233 -37.90 -9.15 19.61
C ASN A 233 -38.11 -8.99 21.09
N VAL A 234 -39.22 -8.30 21.50
CA VAL A 234 -39.55 -8.23 22.92
C VAL A 234 -40.44 -9.41 23.37
N GLU A 235 -40.41 -9.65 24.67
CA GLU A 235 -41.17 -10.81 25.24
C GLU A 235 -42.58 -10.84 24.76
N GLY A 236 -43.01 -11.99 24.23
CA GLY A 236 -44.43 -12.12 23.85
C GLY A 236 -44.63 -11.97 22.40
N ASP A 237 -43.70 -11.37 21.67
CA ASP A 237 -43.82 -11.33 20.22
C ASP A 237 -43.26 -12.60 19.58
N ASN A 238 -43.40 -12.72 18.25
CA ASN A 238 -42.81 -13.81 17.45
C ASN A 238 -41.30 -13.76 17.61
N ALA A 239 -40.72 -14.91 17.89
CA ALA A 239 -39.25 -14.99 18.22
C ALA A 239 -38.41 -14.67 16.98
N VAL A 240 -37.38 -13.80 17.11
CA VAL A 240 -36.58 -13.40 15.94
C VAL A 240 -35.14 -13.56 16.48
N PRO A 241 -34.50 -14.73 16.24
CA PRO A 241 -33.08 -14.82 16.65
C PRO A 241 -32.16 -13.75 16.07
N MET A 242 -31.18 -13.41 16.91
CA MET A 242 -30.11 -12.48 16.68
C MET A 242 -29.04 -13.23 15.83
N GLN A 243 -29.28 -13.35 14.55
CA GLN A 243 -28.45 -14.24 13.71
C GLN A 243 -27.08 -13.65 13.45
N HIS A 244 -26.98 -12.30 13.34
CA HIS A 244 -25.64 -11.70 13.10
C HIS A 244 -25.64 -10.20 13.43
N ASN A 245 -24.43 -9.68 13.69
CA ASN A 245 -24.33 -8.25 14.06
C ASN A 245 -22.92 -7.73 13.75
N ASN A 246 -22.30 -8.28 12.69
CA ASN A 246 -21.01 -7.75 12.29
C ASN A 246 -21.09 -6.79 11.07
N ARG A 247 -20.37 -5.67 11.15
CA ARG A 247 -20.35 -4.78 10.03
C ARG A 247 -19.23 -5.23 9.05
N PRO A 248 -19.49 -5.12 7.74
CA PRO A 248 -18.38 -5.29 6.76
C PRO A 248 -17.21 -4.34 7.00
N THR A 249 -16.00 -4.71 6.57
CA THR A 249 -14.84 -3.87 6.68
C THR A 249 -14.96 -2.65 5.72
N GLN A 250 -14.32 -1.58 6.14
CA GLN A 250 -14.45 -0.27 5.55
C GLN A 250 -13.09 0.17 5.02
N PRO A 251 -13.06 1.15 4.08
CA PRO A 251 -11.81 1.62 3.46
C PRO A 251 -10.83 2.33 4.42
N LEU A 252 -9.55 1.96 4.43
CA LEU A 252 -8.58 2.68 5.26
C LEU A 252 -8.43 4.16 4.95
N LYS A 253 -8.67 4.54 3.69
CA LYS A 253 -8.62 5.98 3.28
C LYS A 253 -7.37 6.63 3.78
N GLY A 254 -6.27 5.94 3.58
CA GLY A 254 -4.97 6.41 3.97
C GLY A 254 -4.55 6.27 5.37
N ARG A 255 -5.36 5.65 6.27
CA ARG A 255 -4.80 5.51 7.60
C ARG A 255 -3.72 4.47 7.62
N THR A 256 -2.87 4.55 8.63
CA THR A 256 -1.84 3.52 8.83
C THR A 256 -2.21 2.67 10.03
N VAL A 257 -2.13 1.36 9.85
CA VAL A 257 -2.23 0.43 10.97
C VAL A 257 -0.85 0.16 11.50
N ARG A 258 -0.59 0.45 12.78
CA ARG A 258 0.69 0.22 13.36
C ARG A 258 0.68 -1.10 14.07
N ALA A 259 1.87 -1.69 14.18
CA ALA A 259 2.10 -2.96 14.89
C ALA A 259 2.99 -2.84 16.07
N SER A 260 2.66 -3.48 17.15
CA SER A 260 3.51 -3.41 18.30
C SER A 260 4.64 -4.47 18.25
N PHE A 261 4.62 -5.29 17.20
CA PHE A 261 5.44 -6.51 17.23
C PHE A 261 6.03 -6.62 15.80
N ASP B 5 -1.92 14.03 -27.87
CA ASP B 5 -1.90 12.54 -27.78
C ASP B 5 -0.80 11.89 -28.64
N TRP B 6 -0.06 10.97 -28.05
CA TRP B 6 1.05 10.36 -28.76
C TRP B 6 1.24 8.97 -28.22
N GLY B 7 1.80 8.11 -29.06
CA GLY B 7 2.14 6.75 -28.62
C GLY B 7 3.17 6.19 -29.58
N TYR B 8 3.06 4.89 -29.80
CA TYR B 8 3.97 4.15 -30.63
C TYR B 8 3.24 3.39 -31.76
N ASP B 9 1.91 3.51 -31.81
CA ASP B 9 1.23 2.82 -32.97
C ASP B 9 1.31 3.58 -34.32
N ASP B 10 0.71 3.03 -35.39
CA ASP B 10 0.76 3.67 -36.70
C ASP B 10 0.17 5.09 -36.70
N LYS B 11 -0.91 5.28 -35.94
CA LYS B 11 -1.72 6.52 -35.94
C LYS B 11 -1.00 7.66 -35.21
N ASN B 12 -0.30 7.36 -34.10
CA ASN B 12 0.22 8.39 -33.14
C ASN B 12 1.72 8.21 -32.77
N GLY B 13 2.40 7.40 -33.57
CA GLY B 13 3.78 7.00 -33.33
C GLY B 13 4.88 7.91 -33.88
N PRO B 14 6.15 7.45 -33.75
CA PRO B 14 7.30 8.31 -33.98
C PRO B 14 7.32 9.05 -35.30
N GLU B 15 6.85 8.45 -36.39
CA GLU B 15 6.82 9.22 -37.66
C GLU B 15 5.75 10.36 -37.63
N GLN B 16 4.74 10.25 -36.77
CA GLN B 16 3.70 11.29 -36.63
C GLN B 16 4.00 12.34 -35.54
N TRP B 17 4.99 12.11 -34.67
CA TRP B 17 5.20 12.99 -33.51
C TRP B 17 5.47 14.47 -33.89
N SER B 18 6.15 14.72 -35.00
CA SER B 18 6.49 16.12 -35.33
C SER B 18 5.23 16.99 -35.56
N LYS B 19 4.09 16.38 -35.86
CA LYS B 19 2.80 17.15 -36.00
C LYS B 19 2.49 17.91 -34.69
N LEU B 20 2.58 17.19 -33.57
CA LEU B 20 2.26 17.75 -32.26
C LEU B 20 3.50 18.29 -31.55
N TYR B 21 4.70 17.82 -31.93
CA TYR B 21 5.92 18.20 -31.20
C TYR B 21 6.95 18.46 -32.27
N PRO B 22 6.99 19.70 -32.83
CA PRO B 22 7.87 20.00 -33.99
C PRO B 22 9.36 19.74 -33.76
N ILE B 23 9.81 19.91 -32.50
CA ILE B 23 11.22 19.60 -32.13
C ILE B 23 11.60 18.16 -32.52
N ALA B 24 10.63 17.27 -32.80
CA ALA B 24 10.95 15.87 -33.26
C ALA B 24 11.90 15.87 -34.46
N ASN B 25 11.83 16.96 -35.25
CA ASN B 25 12.71 17.19 -36.38
C ASN B 25 13.96 18.04 -36.06
N GLY B 26 14.34 18.20 -34.79
CA GLY B 26 15.41 19.07 -34.39
C GLY B 26 16.77 18.52 -34.73
N ASN B 27 17.77 19.25 -34.32
CA ASN B 27 19.16 18.91 -34.60
C ASN B 27 19.90 18.07 -33.54
N ASN B 28 19.23 17.85 -32.42
CA ASN B 28 19.88 17.14 -31.31
C ASN B 28 18.95 16.03 -30.85
N GLN B 29 18.36 15.29 -31.78
CA GLN B 29 17.37 14.27 -31.38
C GLN B 29 18.00 12.91 -31.08
N SER B 30 17.34 12.18 -30.18
CA SER B 30 17.82 10.81 -29.77
C SER B 30 16.74 9.81 -30.03
N PRO B 31 17.06 8.50 -30.14
CA PRO B 31 18.41 7.94 -30.03
C PRO B 31 19.13 8.09 -31.38
N VAL B 32 20.38 7.66 -31.39
CA VAL B 32 21.24 7.68 -32.60
C VAL B 32 21.92 6.34 -32.77
N ASP B 33 22.42 6.05 -33.98
CA ASP B 33 23.33 4.94 -34.17
C ASP B 33 24.70 5.44 -33.85
N ILE B 34 25.47 4.66 -33.10
CA ILE B 34 26.84 4.97 -32.87
C ILE B 34 27.72 4.15 -33.85
N LYS B 35 28.35 4.86 -34.80
CA LYS B 35 29.30 4.26 -35.77
C LYS B 35 30.63 4.34 -35.13
N THR B 36 31.14 3.20 -34.68
CA THR B 36 32.34 3.19 -33.84
C THR B 36 33.57 3.69 -34.62
N SER B 37 33.55 3.53 -35.94
CA SER B 37 34.64 4.07 -36.76
C SER B 37 34.70 5.60 -36.78
N GLU B 38 33.60 6.30 -36.52
CA GLU B 38 33.57 7.74 -36.45
C GLU B 38 33.64 8.32 -35.01
N THR B 39 33.74 7.48 -33.96
CA THR B 39 33.81 8.06 -32.60
C THR B 39 35.20 8.67 -32.37
N LYS B 40 35.27 9.67 -31.51
CA LYS B 40 36.52 10.33 -31.16
C LYS B 40 36.81 10.11 -29.67
N HIS B 41 38.00 9.62 -29.33
CA HIS B 41 38.43 9.55 -27.97
C HIS B 41 38.72 10.92 -27.38
N ASP B 42 38.13 11.24 -26.24
CA ASP B 42 38.24 12.55 -25.65
C ASP B 42 38.92 12.37 -24.27
N THR B 43 40.16 12.86 -24.15
CA THR B 43 40.88 12.62 -22.90
C THR B 43 40.30 13.36 -21.70
N SER B 44 39.35 14.29 -21.94
CA SER B 44 38.84 15.05 -20.78
C SER B 44 37.69 14.26 -20.10
N LEU B 45 37.29 13.17 -20.73
CA LEU B 45 36.22 12.32 -20.13
C LEU B 45 36.73 11.49 -18.99
N LYS B 46 36.21 11.80 -17.76
CA LYS B 46 36.60 11.07 -16.60
C LYS B 46 35.77 9.78 -16.51
N PRO B 47 36.19 8.83 -15.66
CA PRO B 47 35.28 7.70 -15.47
C PRO B 47 33.94 8.16 -14.83
N ILE B 48 32.89 7.39 -15.15
CA ILE B 48 31.53 7.58 -14.53
C ILE B 48 31.59 7.06 -13.11
N SER B 49 31.03 7.82 -12.18
CA SER B 49 30.95 7.38 -10.82
C SER B 49 29.45 7.41 -10.42
N VAL B 50 28.88 6.28 -10.06
CA VAL B 50 27.49 6.36 -9.60
C VAL B 50 27.47 5.87 -8.17
N SER B 51 26.74 6.58 -7.31
CA SER B 51 26.52 6.12 -5.93
C SER B 51 25.02 6.39 -5.60
N TYR B 52 24.25 5.36 -5.63
CA TYR B 52 22.83 5.49 -5.35
C TYR B 52 22.52 4.84 -3.98
N ASN B 53 21.69 5.54 -3.20
CA ASN B 53 21.23 5.07 -1.91
C ASN B 53 19.94 4.33 -2.15
N PRO B 54 19.85 3.05 -1.81
CA PRO B 54 18.71 2.23 -2.10
C PRO B 54 17.44 2.73 -1.33
N ALA B 55 17.62 3.61 -0.33
CA ALA B 55 16.44 4.20 0.41
C ALA B 55 15.74 5.27 -0.44
N THR B 56 16.33 5.68 -1.56
CA THR B 56 15.67 6.69 -2.38
C THR B 56 14.64 6.07 -3.39
N ALA B 57 14.62 4.75 -3.58
CA ALA B 57 13.64 4.07 -4.41
C ALA B 57 12.25 4.41 -3.85
N LYS B 58 11.29 4.82 -4.70
CA LYS B 58 9.98 5.25 -4.11
C LYS B 58 8.81 4.49 -4.69
N GLU B 59 8.62 4.52 -6.00
CA GLU B 59 7.33 4.11 -6.58
C GLU B 59 7.52 3.58 -8.00
N ILE B 60 6.76 2.56 -8.36
CA ILE B 60 6.75 2.05 -9.73
C ILE B 60 5.37 2.40 -10.27
N ILE B 61 5.33 2.83 -11.52
CA ILE B 61 4.08 3.32 -12.12
C ILE B 61 3.92 2.92 -13.59
N ASN B 62 2.70 2.49 -13.99
CA ASN B 62 2.45 2.23 -15.36
C ASN B 62 2.03 3.55 -16.03
N VAL B 63 2.82 3.96 -17.00
CA VAL B 63 2.59 5.27 -17.68
C VAL B 63 1.93 5.12 -19.03
N GLY B 64 1.33 3.94 -19.29
CA GLY B 64 0.57 3.75 -20.54
C GLY B 64 1.35 3.25 -21.69
N HIS B 65 2.50 3.91 -21.99
CA HIS B 65 3.38 3.44 -23.00
C HIS B 65 4.61 2.69 -22.43
N SER B 66 4.82 2.70 -21.10
CA SER B 66 5.99 2.04 -20.50
C SER B 66 5.69 1.98 -19.00
N PHE B 67 6.68 1.71 -18.19
CA PHE B 67 6.53 1.85 -16.77
C PHE B 67 7.77 2.53 -16.32
N HIS B 68 7.64 3.25 -15.20
CA HIS B 68 8.81 3.99 -14.66
C HIS B 68 9.00 3.60 -13.21
N VAL B 69 10.27 3.51 -12.77
CA VAL B 69 10.57 3.34 -11.38
C VAL B 69 11.14 4.67 -10.92
N ASN B 70 10.42 5.40 -10.03
CA ASN B 70 10.79 6.71 -9.59
C ASN B 70 11.40 6.72 -8.24
N PHE B 71 12.29 7.69 -8.07
CA PHE B 71 13.12 7.83 -6.85
C PHE B 71 12.86 9.15 -6.20
N GLU B 72 13.01 9.22 -4.87
CA GLU B 72 12.88 10.50 -4.12
C GLU B 72 14.04 11.32 -4.59
N ASP B 73 13.79 12.54 -5.02
CA ASP B 73 14.91 13.37 -5.54
C ASP B 73 15.03 14.73 -4.84
N ASN B 74 14.67 14.69 -3.59
CA ASN B 74 14.65 15.91 -2.79
C ASN B 74 16.04 16.26 -2.23
N ASP B 75 16.99 15.34 -2.26
CA ASP B 75 18.35 15.65 -1.85
C ASP B 75 19.33 14.85 -2.77
N ASN B 76 20.62 14.96 -2.48
CA ASN B 76 21.66 14.29 -3.26
C ASN B 76 22.13 13.00 -2.68
N ARG B 77 21.25 12.19 -2.10
CA ARG B 77 21.67 10.89 -1.69
C ARG B 77 22.13 9.96 -2.87
N SER B 78 21.58 10.17 -4.08
CA SER B 78 21.71 9.20 -5.20
C SER B 78 22.17 10.04 -6.38
N VAL B 79 23.48 9.94 -6.73
CA VAL B 79 24.07 10.94 -7.67
C VAL B 79 24.96 10.17 -8.68
N LEU B 80 25.00 10.80 -9.86
CA LEU B 80 25.99 10.44 -10.96
C LEU B 80 26.95 11.61 -11.05
N LYS B 81 28.23 11.24 -11.15
CA LYS B 81 29.29 12.24 -11.31
C LYS B 81 30.31 11.71 -12.30
N GLY B 82 31.14 12.63 -12.76
CA GLY B 82 32.30 12.14 -13.61
C GLY B 82 31.91 12.17 -15.06
N GLY B 83 32.57 11.32 -15.89
CA GLY B 83 32.29 11.36 -17.33
C GLY B 83 32.52 12.78 -17.89
N PRO B 84 31.58 13.28 -18.69
CA PRO B 84 31.69 14.60 -19.27
C PRO B 84 31.23 15.70 -18.32
N PHE B 85 30.86 15.39 -17.09
CA PHE B 85 30.17 16.39 -16.22
C PHE B 85 31.13 17.01 -15.20
N SER B 86 30.94 18.29 -14.87
CA SER B 86 31.65 18.78 -13.68
C SER B 86 30.74 18.85 -12.47
N ASP B 87 29.44 18.97 -12.75
CA ASP B 87 28.31 18.98 -11.81
C ASP B 87 27.93 17.57 -11.40
N SER B 88 27.47 17.32 -10.19
CA SER B 88 26.78 16.06 -10.02
C SER B 88 25.27 16.12 -10.39
N TYR B 89 24.77 14.95 -10.78
CA TYR B 89 23.36 14.83 -11.29
C TYR B 89 22.64 13.89 -10.39
N ARG B 90 21.41 14.22 -10.07
CA ARG B 90 20.61 13.47 -9.12
C ARG B 90 19.71 12.44 -9.80
N LEU B 91 19.79 11.19 -9.37
CA LEU B 91 18.92 10.14 -9.87
C LEU B 91 17.43 10.47 -9.66
N PHE B 92 16.63 10.27 -10.71
CA PHE B 92 15.15 10.43 -10.46
C PHE B 92 14.32 9.27 -10.96
N GLN B 93 14.84 8.46 -11.87
CA GLN B 93 14.05 7.41 -12.47
CA GLN B 93 14.09 7.31 -12.32
C GLN B 93 14.90 6.42 -13.20
N PHE B 94 14.44 5.17 -13.30
CA PHE B 94 14.89 4.29 -14.42
C PHE B 94 13.73 3.64 -15.12
N HIS B 95 13.98 3.19 -16.33
CA HIS B 95 12.91 2.50 -17.08
C HIS B 95 13.54 1.80 -18.23
N PHE B 96 12.73 1.12 -19.03
CA PHE B 96 13.23 0.34 -20.14
C PHE B 96 12.51 0.69 -21.43
N HIS B 97 13.11 0.33 -22.57
CA HIS B 97 12.43 0.25 -23.86
C HIS B 97 12.59 -1.17 -24.38
N TRP B 98 11.59 -1.61 -25.11
CA TRP B 98 11.64 -2.90 -25.78
C TRP B 98 10.92 -2.86 -27.11
N GLY B 99 11.00 -3.94 -27.86
CA GLY B 99 10.35 -3.92 -29.23
C GLY B 99 9.39 -5.14 -29.34
N SER B 100 8.71 -5.22 -30.46
CA SER B 100 7.69 -6.26 -30.58
C SER B 100 8.29 -7.65 -30.75
N THR B 101 9.53 -7.75 -31.21
CA THR B 101 10.20 -9.06 -31.15
C THR B 101 11.53 -8.94 -30.40
N ASN B 102 12.16 -10.08 -30.09
CA ASN B 102 13.54 -10.00 -29.55
C ASN B 102 14.62 -9.36 -30.44
N GLU B 103 14.40 -9.31 -31.73
CA GLU B 103 15.42 -8.86 -32.71
C GLU B 103 15.58 -7.35 -32.76
N HIS B 104 14.64 -6.61 -32.19
CA HIS B 104 14.76 -5.17 -32.33
C HIS B 104 13.96 -4.46 -31.27
N GLY B 105 14.63 -4.05 -30.20
CA GLY B 105 13.93 -3.34 -29.17
C GLY B 105 14.73 -2.26 -28.49
N SER B 106 16.05 -2.19 -28.77
CA SER B 106 16.81 -1.07 -28.18
C SER B 106 16.42 0.22 -28.89
N GLU B 107 16.84 1.35 -28.29
CA GLU B 107 16.72 2.63 -28.94
C GLU B 107 18.01 2.97 -29.61
N HIS B 108 19.12 3.11 -28.87
CA HIS B 108 20.40 3.27 -29.55
C HIS B 108 20.83 1.99 -30.29
N THR B 109 21.68 2.20 -31.32
CA THR B 109 22.23 1.05 -32.05
C THR B 109 23.70 1.28 -32.11
N VAL B 110 24.49 0.22 -32.38
CA VAL B 110 25.95 0.38 -32.43
C VAL B 110 26.38 -0.26 -33.75
N ASP B 111 26.95 0.54 -34.65
CA ASP B 111 27.27 0.07 -36.05
C ASP B 111 26.05 -0.60 -36.71
N GLY B 112 24.86 -0.01 -36.49
CA GLY B 112 23.62 -0.57 -37.00
C GLY B 112 23.02 -1.79 -36.33
N VAL B 113 23.68 -2.36 -35.34
CA VAL B 113 23.17 -3.54 -34.68
C VAL B 113 22.17 -3.04 -33.64
N LYS B 114 20.97 -3.56 -33.77
CA LYS B 114 19.88 -3.33 -32.75
C LYS B 114 19.90 -4.42 -31.73
N TYR B 115 19.73 -4.05 -30.46
CA TYR B 115 19.69 -5.02 -29.36
C TYR B 115 18.23 -5.28 -28.97
N SER B 116 17.98 -6.16 -28.01
CA SER B 116 16.62 -6.57 -27.72
C SER B 116 15.85 -5.56 -26.88
N ALA B 117 16.56 -4.78 -26.07
CA ALA B 117 15.84 -3.87 -25.16
C ALA B 117 16.96 -2.90 -24.67
N GLU B 118 16.58 -1.89 -23.90
CA GLU B 118 17.54 -0.83 -23.42
C GLU B 118 17.10 -0.35 -22.08
N LEU B 119 18.02 -0.23 -21.13
CA LEU B 119 17.75 0.37 -19.81
C LEU B 119 18.17 1.87 -19.86
N HIS B 120 17.34 2.72 -19.31
CA HIS B 120 17.67 4.15 -19.14
C HIS B 120 17.62 4.51 -17.65
N VAL B 121 18.69 5.09 -17.16
CA VAL B 121 18.79 5.55 -15.77
C VAL B 121 18.94 7.06 -15.90
N ALA B 122 17.94 7.80 -15.44
CA ALA B 122 17.81 9.25 -15.78
C ALA B 122 18.12 10.11 -14.48
N HIS B 123 18.76 11.25 -14.69
CA HIS B 123 19.24 12.11 -13.59
C HIS B 123 19.09 13.53 -14.06
N TRP B 124 18.98 14.45 -13.09
CA TRP B 124 18.92 15.88 -13.40
C TRP B 124 19.94 16.74 -12.64
N ASN B 125 20.29 17.86 -13.26
CA ASN B 125 21.46 18.64 -12.75
C ASN B 125 21.03 19.44 -11.46
N SER B 126 21.25 18.85 -10.30
CA SER B 126 20.89 19.52 -9.00
C SER B 126 21.97 20.51 -8.56
N ALA B 127 23.12 20.53 -9.22
CA ALA B 127 24.14 21.57 -8.94
C ALA B 127 23.70 22.92 -9.48
N LYS B 128 23.03 22.94 -10.59
CA LYS B 128 22.72 24.16 -11.26
C LYS B 128 21.22 24.53 -11.09
N TYR B 129 20.35 23.52 -11.00
CA TYR B 129 18.91 23.80 -10.98
C TYR B 129 18.32 23.34 -9.67
N SER B 130 17.09 23.81 -9.35
CA SER B 130 16.47 23.41 -8.09
C SER B 130 15.41 22.33 -8.22
N SER B 131 15.04 21.96 -9.43
CA SER B 131 14.09 20.83 -9.56
C SER B 131 14.25 20.17 -10.93
N LEU B 132 13.70 18.97 -10.99
CA LEU B 132 13.54 18.28 -12.28
C LEU B 132 12.86 19.13 -13.32
N ALA B 133 11.77 19.80 -12.95
CA ALA B 133 11.03 20.52 -13.96
C ALA B 133 11.83 21.71 -14.53
N GLU B 134 12.62 22.37 -13.67
CA GLU B 134 13.53 23.41 -14.16
C GLU B 134 14.60 22.82 -15.09
N ALA B 135 15.16 21.69 -14.69
CA ALA B 135 16.36 21.13 -15.37
C ALA B 135 15.93 20.58 -16.76
N ALA B 136 14.66 20.11 -16.83
CA ALA B 136 14.25 19.20 -17.97
C ALA B 136 14.23 19.85 -19.33
N SER B 137 14.19 21.16 -19.40
CA SER B 137 14.24 21.76 -20.72
C SER B 137 15.56 22.47 -20.98
N LYS B 138 16.53 22.35 -20.08
CA LYS B 138 17.83 23.02 -20.27
C LYS B 138 18.80 22.12 -21.01
N ALA B 139 19.64 22.66 -21.92
CA ALA B 139 20.63 21.85 -22.66
C ALA B 139 21.49 20.96 -21.75
N ASP B 140 21.84 21.44 -20.57
CA ASP B 140 22.66 20.74 -19.59
C ASP B 140 21.87 20.17 -18.40
N GLY B 141 20.55 20.00 -18.55
CA GLY B 141 19.73 19.69 -17.38
C GLY B 141 19.66 18.20 -17.03
N LEU B 142 19.73 17.31 -18.04
CA LEU B 142 19.48 15.85 -17.80
C LEU B 142 20.64 15.01 -18.24
N ALA B 143 20.85 13.90 -17.55
CA ALA B 143 21.94 12.97 -17.90
C ALA B 143 21.28 11.59 -17.84
N VAL B 144 21.34 10.82 -18.95
CA VAL B 144 20.70 9.48 -18.92
C VAL B 144 21.78 8.45 -19.33
N ILE B 145 21.94 7.40 -18.52
CA ILE B 145 22.80 6.30 -18.84
C ILE B 145 21.95 5.26 -19.59
N GLY B 146 22.44 4.84 -20.76
CA GLY B 146 21.73 3.79 -21.58
C GLY B 146 22.60 2.57 -21.56
N VAL B 147 21.96 1.42 -21.27
CA VAL B 147 22.60 0.10 -21.31
C VAL B 147 21.83 -0.76 -22.30
N LEU B 148 22.54 -1.24 -23.30
CA LEU B 148 21.95 -2.15 -24.25
C LEU B 148 21.72 -3.51 -23.63
N MET B 149 20.57 -4.14 -23.98
CA MET B 149 20.23 -5.42 -23.37
C MET B 149 20.14 -6.50 -24.45
N LYS B 150 20.98 -7.52 -24.35
CA LYS B 150 21.08 -8.56 -25.40
C LYS B 150 20.36 -9.86 -24.92
N VAL B 151 19.41 -10.32 -25.72
CA VAL B 151 18.58 -11.51 -25.37
C VAL B 151 19.54 -12.73 -25.23
N GLY B 152 19.43 -13.42 -24.09
CA GLY B 152 20.20 -14.66 -23.84
C GLY B 152 19.77 -15.19 -22.49
N GLU B 153 20.69 -15.34 -21.54
CA GLU B 153 20.37 -15.86 -20.21
C GLU B 153 19.46 -14.88 -19.50
N ALA B 154 18.66 -15.39 -18.56
CA ALA B 154 17.90 -14.53 -17.68
C ALA B 154 18.79 -13.73 -16.80
N ASN B 155 18.42 -12.47 -16.62
CA ASN B 155 19.17 -11.59 -15.76
C ASN B 155 18.55 -11.51 -14.38
N PRO B 156 19.20 -12.08 -13.35
CA PRO B 156 18.59 -12.15 -12.06
C PRO B 156 18.49 -10.77 -11.40
N LYS B 157 19.31 -9.77 -11.83
CA LYS B 157 19.20 -8.44 -11.25
C LYS B 157 17.87 -7.76 -11.60
N LEU B 158 17.21 -8.24 -12.64
CA LEU B 158 15.87 -7.67 -13.10
C LEU B 158 14.71 -8.16 -12.30
N GLN B 159 14.95 -9.24 -11.54
CA GLN B 159 13.93 -9.87 -10.64
C GLN B 159 12.95 -8.98 -9.91
N LYS B 160 13.45 -8.15 -9.00
CA LYS B 160 12.57 -7.34 -8.16
C LYS B 160 11.69 -6.45 -9.05
N VAL B 161 12.26 -5.92 -10.16
CA VAL B 161 11.47 -5.05 -11.02
C VAL B 161 10.35 -5.89 -11.68
N LEU B 162 10.73 -7.04 -12.23
CA LEU B 162 9.73 -7.84 -12.91
C LEU B 162 8.63 -8.38 -11.95
N ASP B 163 9.03 -8.68 -10.69
CA ASP B 163 8.08 -9.15 -9.65
C ASP B 163 7.06 -8.06 -9.28
N ALA B 164 7.44 -6.80 -9.51
CA ALA B 164 6.59 -5.66 -9.18
C ALA B 164 5.51 -5.41 -10.23
N LEU B 165 5.66 -5.94 -11.45
CA LEU B 165 4.88 -5.56 -12.57
C LEU B 165 3.38 -6.01 -12.34
N GLN B 166 3.19 -7.13 -11.60
CA GLN B 166 1.84 -7.64 -11.40
C GLN B 166 0.94 -6.63 -10.65
N ALA B 167 1.51 -5.72 -9.87
CA ALA B 167 0.74 -4.71 -9.11
C ALA B 167 0.45 -3.47 -9.97
N ILE B 168 0.99 -3.37 -11.20
CA ILE B 168 0.79 -2.16 -12.02
C ILE B 168 0.40 -2.48 -13.41
N LYS B 169 -0.52 -3.43 -13.56
CA LYS B 169 -0.78 -3.93 -14.88
C LYS B 169 -1.36 -3.00 -15.83
N THR B 170 -2.22 -2.05 -15.37
CA THR B 170 -2.90 -1.13 -16.30
C THR B 170 -2.48 0.36 -16.08
N LYS B 171 -2.77 1.14 -17.11
CA LYS B 171 -2.34 2.57 -17.15
C LYS B 171 -2.77 3.28 -15.91
N GLY B 172 -1.79 3.90 -15.23
CA GLY B 172 -2.05 4.76 -14.11
C GLY B 172 -1.93 4.06 -12.80
N LYS B 173 -1.83 2.74 -12.79
CA LYS B 173 -1.62 2.04 -11.53
C LYS B 173 -0.20 2.24 -11.04
N ARG B 174 -0.06 2.24 -9.73
CA ARG B 174 1.20 2.53 -9.08
C ARG B 174 1.34 1.76 -7.78
N ALA B 175 2.58 1.55 -7.37
CA ALA B 175 2.79 0.81 -6.14
C ALA B 175 4.12 1.21 -5.53
N PRO B 176 4.25 1.14 -4.19
CA PRO B 176 5.54 1.42 -3.53
C PRO B 176 6.60 0.47 -4.13
N PHE B 177 7.79 1.01 -4.28
CA PHE B 177 8.94 0.19 -4.73
C PHE B 177 10.13 0.76 -4.00
N THR B 178 10.71 0.01 -3.05
CA THR B 178 11.59 0.62 -2.07
C THR B 178 12.84 -0.26 -1.93
N ASN B 179 13.87 0.34 -1.35
CA ASN B 179 15.09 -0.39 -0.99
C ASN B 179 15.64 -1.04 -2.32
N PHE B 180 15.98 -0.21 -3.29
CA PHE B 180 16.58 -0.79 -4.53
C PHE B 180 17.65 0.17 -5.05
N ASP B 181 18.86 -0.35 -5.32
CA ASP B 181 19.93 0.43 -5.93
C ASP B 181 20.09 0.05 -7.44
N PRO B 182 19.74 0.94 -8.38
CA PRO B 182 19.67 0.44 -9.80
C PRO B 182 21.09 0.38 -10.42
N SER B 183 22.09 0.85 -9.69
CA SER B 183 23.51 0.62 -10.18
C SER B 183 23.80 -0.86 -10.20
N THR B 184 23.05 -1.73 -9.51
CA THR B 184 23.20 -3.18 -9.64
C THR B 184 22.81 -3.72 -11.03
N LEU B 185 22.14 -2.90 -11.81
CA LEU B 185 21.74 -3.28 -13.14
C LEU B 185 22.80 -2.92 -14.18
N LEU B 186 23.76 -2.09 -13.81
CA LEU B 186 24.81 -1.71 -14.78
C LEU B 186 25.80 -2.81 -15.09
N PRO B 187 26.44 -2.78 -16.26
CA PRO B 187 27.52 -3.74 -16.55
C PRO B 187 28.75 -3.47 -15.63
N SER B 188 29.67 -4.45 -15.55
CA SER B 188 30.77 -4.31 -14.60
C SER B 188 31.75 -3.23 -15.10
N SER B 189 32.02 -3.16 -16.41
CA SER B 189 32.84 -2.08 -16.96
C SER B 189 31.92 -0.90 -17.36
N LEU B 190 32.30 0.33 -16.97
CA LEU B 190 31.53 1.52 -17.33
C LEU B 190 32.25 2.36 -18.38
N ASP B 191 33.02 1.72 -19.26
CA ASP B 191 33.45 2.41 -20.51
C ASP B 191 32.20 2.90 -21.27
N PHE B 192 32.28 4.08 -21.91
CA PHE B 192 31.10 4.68 -22.45
C PHE B 192 31.35 5.57 -23.67
N TRP B 193 30.27 5.80 -24.43
CA TRP B 193 30.20 6.86 -25.46
C TRP B 193 29.30 7.96 -24.89
N THR B 194 29.50 9.17 -25.36
CA THR B 194 28.59 10.26 -24.95
C THR B 194 28.34 11.22 -26.11
N TYR B 195 27.13 11.76 -26.15
CA TYR B 195 26.77 12.74 -27.20
C TYR B 195 25.63 13.59 -26.60
N PRO B 196 25.40 14.78 -27.18
CA PRO B 196 24.30 15.64 -26.73
C PRO B 196 23.06 15.29 -27.53
N GLY B 197 21.95 15.07 -26.83
CA GLY B 197 20.74 14.59 -27.43
C GLY B 197 19.49 15.05 -26.67
N SER B 198 18.47 14.20 -26.73
CA SER B 198 17.15 14.59 -26.35
C SER B 198 16.49 13.46 -25.55
N LEU B 199 15.34 13.81 -24.98
CA LEU B 199 14.42 12.77 -24.49
C LEU B 199 14.01 11.98 -25.70
N THR B 200 13.79 10.69 -25.55
CA THR B 200 13.49 9.88 -26.76
C THR B 200 11.99 9.77 -27.09
N HIS B 201 11.17 10.42 -26.29
CA HIS B 201 9.72 10.48 -26.65
C HIS B 201 9.23 11.87 -26.22
N PRO B 202 8.00 12.25 -26.62
CA PRO B 202 7.50 13.56 -26.23
C PRO B 202 7.64 13.78 -24.73
N PRO B 203 8.05 14.94 -24.28
CA PRO B 203 8.09 16.19 -25.08
C PRO B 203 9.36 16.41 -25.90
N LEU B 204 10.31 15.47 -25.88
CA LEU B 204 11.43 15.49 -26.93
C LEU B 204 12.43 16.60 -26.71
N TYR B 205 12.42 17.17 -25.51
CA TYR B 205 13.36 18.26 -25.23
C TYR B 205 14.76 17.85 -25.46
N GLU B 206 15.54 18.78 -26.03
CA GLU B 206 16.93 18.47 -26.26
C GLU B 206 17.80 18.87 -25.08
N SER B 207 17.65 18.14 -23.96
CA SER B 207 18.19 18.51 -22.69
C SER B 207 19.00 17.36 -22.09
N VAL B 208 19.31 16.37 -22.92
CA VAL B 208 19.97 15.13 -22.36
C VAL B 208 21.38 14.92 -22.80
N THR B 209 22.27 14.79 -21.81
CA THR B 209 23.66 14.30 -22.12
C THR B 209 23.56 12.78 -22.00
N TRP B 210 23.74 12.10 -23.14
CA TRP B 210 23.65 10.63 -23.15
C TRP B 210 24.94 9.98 -22.75
N ILE B 211 24.89 8.96 -21.90
CA ILE B 211 26.04 8.20 -21.54
C ILE B 211 25.64 6.72 -21.98
N ILE B 212 26.19 6.20 -23.10
CA ILE B 212 25.80 4.84 -23.59
C ILE B 212 26.95 3.90 -23.17
N CYS B 213 26.66 2.88 -22.37
CA CYS B 213 27.74 1.97 -21.97
C CYS B 213 28.15 1.12 -23.20
N LYS B 214 29.45 0.88 -23.28
CA LYS B 214 30.02 -0.02 -24.24
C LYS B 214 29.58 -1.45 -24.01
N GLU B 215 29.51 -1.85 -22.75
CA GLU B 215 29.12 -3.25 -22.46
C GLU B 215 27.61 -3.42 -22.31
N SER B 216 27.09 -4.52 -22.83
CA SER B 216 25.62 -4.80 -22.73
C SER B 216 25.37 -5.69 -21.48
N ILE B 217 24.09 -5.81 -21.09
CA ILE B 217 23.68 -6.76 -20.03
C ILE B 217 22.71 -7.74 -20.65
N SER B 218 22.44 -8.88 -19.97
CA SER B 218 21.56 -9.91 -20.55
CA SER B 218 21.57 -9.90 -20.55
C SER B 218 20.11 -9.66 -20.18
N VAL B 219 19.24 -10.34 -20.92
CA VAL B 219 17.78 -10.44 -20.53
C VAL B 219 17.30 -11.68 -21.25
N SER B 220 16.34 -12.40 -20.67
CA SER B 220 15.86 -13.59 -21.40
C SER B 220 14.60 -13.26 -22.22
N SER B 221 14.25 -14.14 -23.15
CA SER B 221 13.04 -13.92 -23.93
CA SER B 221 13.02 -13.99 -23.94
C SER B 221 11.80 -13.93 -23.02
N GLU B 222 11.81 -14.67 -21.91
CA GLU B 222 10.62 -14.68 -21.03
C GLU B 222 10.55 -13.38 -20.19
N GLN B 223 11.71 -12.78 -19.90
CA GLN B 223 11.69 -11.52 -19.15
C GLN B 223 11.22 -10.44 -20.08
N LEU B 224 11.58 -10.47 -21.38
CA LEU B 224 11.05 -9.45 -22.31
C LEU B 224 9.53 -9.65 -22.49
N ALA B 225 9.06 -10.91 -22.47
CA ALA B 225 7.60 -11.10 -22.51
C ALA B 225 6.87 -10.51 -21.33
N GLN B 226 7.49 -10.48 -20.16
CA GLN B 226 6.85 -9.87 -19.01
C GLN B 226 6.68 -8.35 -19.25
N PHE B 227 7.67 -7.68 -19.82
CA PHE B 227 7.47 -6.28 -20.19
C PHE B 227 6.26 -6.12 -21.11
N ARG B 228 6.19 -6.96 -22.13
CA ARG B 228 5.13 -6.85 -23.14
C ARG B 228 3.76 -7.28 -22.63
N SER B 229 3.72 -7.88 -21.46
CA SER B 229 2.44 -8.29 -20.86
CA SER B 229 2.42 -8.30 -20.89
C SER B 229 1.83 -7.14 -20.10
N LEU B 230 2.57 -6.06 -19.86
CA LEU B 230 1.96 -4.87 -19.27
C LEU B 230 0.90 -4.31 -20.21
N LEU B 231 -0.11 -3.65 -19.65
CA LEU B 231 -1.20 -3.19 -20.49
C LEU B 231 -1.22 -1.65 -20.61
N SER B 232 -1.46 -1.19 -21.83
CA SER B 232 -1.58 0.28 -22.09
C SER B 232 -2.92 0.90 -21.72
N ASN B 233 -3.93 0.06 -21.61
CA ASN B 233 -5.26 0.55 -21.27
C ASN B 233 -5.49 0.76 -19.83
N VAL B 234 -6.59 1.50 -19.52
CA VAL B 234 -6.97 1.67 -18.13
C VAL B 234 -7.80 0.45 -17.66
N GLU B 235 -7.80 0.19 -16.37
CA GLU B 235 -8.50 -0.96 -15.74
C GLU B 235 -9.95 -0.97 -16.18
N GLY B 236 -10.34 -2.11 -16.75
CA GLY B 236 -11.76 -2.40 -17.08
C GLY B 236 -11.99 -2.29 -18.54
N ASP B 237 -11.10 -1.62 -19.24
CA ASP B 237 -11.14 -1.63 -20.68
C ASP B 237 -10.57 -2.97 -21.19
N ASN B 238 -10.78 -3.23 -22.48
CA ASN B 238 -10.25 -4.45 -23.10
C ASN B 238 -8.70 -4.36 -23.06
N ALA B 239 -8.08 -5.47 -22.71
CA ALA B 239 -6.61 -5.49 -22.49
C ALA B 239 -5.82 -5.20 -23.76
N VAL B 240 -4.87 -4.25 -23.68
CA VAL B 240 -4.09 -3.92 -24.89
C VAL B 240 -2.59 -3.99 -24.44
N PRO B 241 -1.88 -5.06 -24.86
CA PRO B 241 -0.51 -5.21 -24.39
C PRO B 241 0.40 -4.15 -24.93
N MET B 242 1.38 -3.82 -24.09
CA MET B 242 2.39 -2.84 -24.39
C MET B 242 3.49 -3.50 -25.24
N GLN B 243 3.30 -3.59 -26.55
CA GLN B 243 4.15 -4.41 -27.36
C GLN B 243 5.51 -3.83 -27.69
N HIS B 244 5.62 -2.51 -27.72
CA HIS B 244 6.90 -1.88 -28.09
C HIS B 244 6.85 -0.41 -27.70
N ASN B 245 8.04 0.16 -27.50
CA ASN B 245 8.10 1.58 -27.15
C ASN B 245 9.51 2.15 -27.48
N ASN B 246 10.11 1.69 -28.57
CA ASN B 246 11.40 2.23 -29.00
C ASN B 246 11.31 3.15 -30.20
N ARG B 247 11.95 4.31 -30.12
CA ARG B 247 11.95 5.24 -31.20
C ARG B 247 13.08 4.84 -32.19
N PRO B 248 12.86 4.96 -33.52
CA PRO B 248 13.98 4.78 -34.49
C PRO B 248 15.13 5.76 -34.25
N THR B 249 16.34 5.38 -34.67
CA THR B 249 17.48 6.29 -34.64
C THR B 249 17.27 7.51 -35.55
N GLN B 250 17.80 8.62 -35.10
CA GLN B 250 17.61 9.93 -35.68
C GLN B 250 18.95 10.45 -36.25
N PRO B 251 18.88 11.43 -37.20
CA PRO B 251 20.14 11.92 -37.80
C PRO B 251 21.06 12.60 -36.81
N LEU B 252 22.37 12.33 -36.91
CA LEU B 252 23.34 12.99 -36.05
C LEU B 252 23.45 14.47 -36.30
N LYS B 253 23.21 14.93 -37.56
CA LYS B 253 23.22 16.35 -37.92
C LYS B 253 24.46 17.04 -37.47
N GLY B 254 25.59 16.40 -37.73
CA GLY B 254 26.86 17.03 -37.38
C GLY B 254 27.41 16.80 -35.99
N ARG B 255 26.62 16.19 -35.10
CA ARG B 255 27.14 15.91 -33.74
C ARG B 255 28.21 14.82 -33.78
N THR B 256 29.06 14.86 -32.78
CA THR B 256 30.10 13.91 -32.63
C THR B 256 29.75 13.04 -31.42
N VAL B 257 29.92 11.73 -31.60
CA VAL B 257 29.89 10.79 -30.48
C VAL B 257 31.31 10.65 -29.94
N ARG B 258 31.53 10.96 -28.66
CA ARG B 258 32.83 10.82 -28.02
C ARG B 258 32.95 9.51 -27.26
N ALA B 259 34.15 8.95 -27.23
CA ALA B 259 34.40 7.68 -26.55
C ALA B 259 35.28 7.92 -25.36
N SER B 260 35.00 7.27 -24.21
CA SER B 260 35.80 7.42 -22.99
C SER B 260 37.03 6.50 -23.08
N PHE B 261 37.03 5.59 -24.04
CA PHE B 261 37.99 4.49 -24.06
C PHE B 261 38.49 4.39 -25.50
#